data_3PJD
#
_entry.id   3PJD
#
_cell.length_a   80.826
_cell.length_b   80.826
_cell.length_c   328.404
_cell.angle_alpha   90.00
_cell.angle_beta   90.00
_cell.angle_gamma   120.00
#
_symmetry.space_group_name_H-M   'P 61 2 2'
#
loop_
_entity.id
_entity.type
_entity.pdbx_description
1 polymer 'Enoyl-[acyl-carrier-protein] reductase [NADH]'
2 non-polymer NICOTINAMIDE-ADENINE-DINUCLEOTIDE
3 non-polymer TRICLOSAN
4 water water
#
_entity_poly.entity_id   1
_entity_poly.type   'polypeptide(L)'
_entity_poly.pdbx_seq_one_letter_code
;MGFLSGKRILVTGVASKLSIAYGIAQAMHREGAELAFTYQNDKLKGRVEEFAAQLGSDIVLQCDVAEDASIDTMFAELGK
VWPKFDGFVHSIAFAPGDQLDGDYVNAVTREGFKIAHDISSYSFVAMAKACRSMLNPGSALLTLSYLGAERAIPNYNVMG
LAKASLEANVRYMANAMGPEGVRVNAISAGPIRTLAASGIKDFRKMLAHCEAVTPIRRTVTIEDVGNSAAFLCSDLSAGI
SGEVVHVDGGFSIAAMNELELKLEHHHHHH
;
_entity_poly.pdbx_strand_id   A,B
#
loop_
_chem_comp.id
_chem_comp.type
_chem_comp.name
_chem_comp.formula
NAD non-polymer NICOTINAMIDE-ADENINE-DINUCLEOTIDE 'C21 H27 N7 O14 P2'
TCL non-polymer TRICLOSAN 'C12 H7 Cl3 O2'
#
# COMPACT_ATOMS: atom_id res chain seq x y z
N GLY A 2 -8.80 33.70 -12.56
CA GLY A 2 -7.78 32.68 -12.19
C GLY A 2 -7.82 31.52 -13.16
N PHE A 3 -6.86 30.60 -13.05
CA PHE A 3 -6.81 29.46 -13.94
C PHE A 3 -7.79 28.35 -13.59
N LEU A 4 -8.68 28.61 -12.63
CA LEU A 4 -9.68 27.63 -12.25
C LEU A 4 -11.12 28.09 -12.54
N SER A 5 -11.25 29.27 -13.14
CA SER A 5 -12.56 29.81 -13.45
C SER A 5 -13.32 28.88 -14.37
N GLY A 6 -14.53 28.51 -13.96
CA GLY A 6 -15.33 27.62 -14.77
C GLY A 6 -15.20 26.19 -14.27
N LYS A 7 -14.54 26.03 -13.13
CA LYS A 7 -14.35 24.71 -12.53
C LYS A 7 -15.15 24.61 -11.22
N ARG A 8 -15.79 23.46 -11.03
CA ARG A 8 -16.55 23.18 -9.83
C ARG A 8 -15.86 22.02 -9.14
N ILE A 9 -15.28 22.32 -7.98
CA ILE A 9 -14.53 21.34 -7.20
C ILE A 9 -15.08 21.14 -5.80
N LEU A 10 -15.10 19.89 -5.36
CA LEU A 10 -15.56 19.51 -4.03
C LEU A 10 -14.31 19.31 -3.15
N VAL A 11 -14.27 19.98 -2.01
CA VAL A 11 -13.14 19.86 -1.09
C VAL A 11 -13.55 19.20 0.21
N THR A 12 -12.81 18.19 0.62
CA THR A 12 -13.10 17.46 1.84
C THR A 12 -11.95 17.61 2.84
N GLY A 13 -12.17 17.22 4.09
CA GLY A 13 -11.12 17.30 5.08
C GLY A 13 -10.84 18.65 5.75
N VAL A 14 -11.72 19.61 5.59
CA VAL A 14 -11.52 20.90 6.24
C VAL A 14 -12.04 20.81 7.68
N ALA A 15 -11.15 21.00 8.65
CA ALA A 15 -11.53 20.92 10.07
C ALA A 15 -11.24 22.21 10.83
N SER A 16 -10.17 22.90 10.45
CA SER A 16 -9.79 24.15 11.08
C SER A 16 -9.14 25.00 10.01
N LYS A 17 -8.51 26.11 10.42
CA LYS A 17 -7.84 26.97 9.46
C LYS A 17 -6.45 26.43 9.20
N LEU A 18 -6.03 25.47 10.04
CA LEU A 18 -4.73 24.83 9.93
C LEU A 18 -4.76 23.64 8.99
N SER A 19 -5.95 23.20 8.61
CA SER A 19 -6.11 22.07 7.71
C SER A 19 -5.47 22.33 6.35
N ILE A 20 -4.87 21.29 5.77
CA ILE A 20 -4.28 21.44 4.45
C ILE A 20 -5.42 21.77 3.48
N ALA A 21 -6.52 21.02 3.58
CA ALA A 21 -7.67 21.22 2.73
C ALA A 21 -8.14 22.67 2.75
N TYR A 22 -7.93 23.35 3.88
CA TYR A 22 -8.35 24.75 3.95
C TYR A 22 -7.42 25.59 3.05
N GLY A 23 -6.12 25.34 3.15
CA GLY A 23 -5.16 26.07 2.33
C GLY A 23 -5.44 25.85 0.85
N ILE A 24 -5.90 24.66 0.50
CA ILE A 24 -6.20 24.29 -0.87
C ILE A 24 -7.45 25.03 -1.39
N ALA A 25 -8.45 25.17 -0.52
CA ALA A 25 -9.68 25.86 -0.89
C ALA A 25 -9.48 27.37 -1.10
N GLN A 26 -8.59 27.99 -0.32
CA GLN A 26 -8.33 29.43 -0.46
C GLN A 26 -7.68 29.72 -1.79
N ALA A 27 -6.74 28.85 -2.17
CA ALA A 27 -6.04 29.00 -3.43
C ALA A 27 -6.98 28.80 -4.62
N MET A 28 -7.73 27.70 -4.62
CA MET A 28 -8.66 27.43 -5.72
C MET A 28 -9.69 28.54 -5.89
N HIS A 29 -10.31 28.96 -4.79
CA HIS A 29 -11.29 30.02 -4.86
C HIS A 29 -10.60 31.28 -5.36
N ARG A 30 -9.34 31.45 -4.97
CA ARG A 30 -8.58 32.61 -5.40
C ARG A 30 -8.44 32.52 -6.91
N GLU A 31 -8.26 31.32 -7.44
CA GLU A 31 -8.10 31.17 -8.87
C GLU A 31 -9.44 31.06 -9.59
N GLY A 32 -10.48 31.54 -8.93
CA GLY A 32 -11.81 31.53 -9.51
C GLY A 32 -12.43 30.16 -9.69
N ALA A 33 -12.76 29.51 -8.58
CA ALA A 33 -13.35 28.17 -8.67
C ALA A 33 -14.54 28.08 -7.74
N GLU A 34 -15.63 27.48 -8.22
CA GLU A 34 -16.81 27.29 -7.40
C GLU A 34 -16.53 26.09 -6.50
N LEU A 35 -16.66 26.28 -5.19
CA LEU A 35 -16.38 25.20 -4.27
C LEU A 35 -17.62 24.67 -3.57
N ALA A 36 -17.46 23.47 -3.03
CA ALA A 36 -18.48 22.77 -2.28
C ALA A 36 -17.68 22.08 -1.17
N PHE A 37 -18.17 22.12 0.07
CA PHE A 37 -17.44 21.53 1.17
C PHE A 37 -18.21 20.39 1.85
N THR A 38 -17.50 19.45 2.45
CA THR A 38 -18.16 18.36 3.18
C THR A 38 -17.55 18.30 4.57
N TYR A 39 -18.31 17.77 5.53
CA TYR A 39 -17.82 17.64 6.89
C TYR A 39 -18.11 16.24 7.39
N GLN A 40 -17.20 15.70 8.21
CA GLN A 40 -17.35 14.36 8.73
C GLN A 40 -18.57 14.17 9.64
N ASN A 41 -18.70 15.03 10.64
CA ASN A 41 -19.81 14.95 11.60
C ASN A 41 -20.31 16.33 12.02
N ASP A 42 -21.46 16.36 12.69
CA ASP A 42 -22.07 17.61 13.14
C ASP A 42 -21.20 18.48 14.03
N LYS A 43 -20.19 17.88 14.66
CA LYS A 43 -19.29 18.64 15.52
C LYS A 43 -18.51 19.66 14.69
N LEU A 44 -18.39 19.39 13.39
CA LEU A 44 -17.66 20.30 12.51
C LEU A 44 -18.57 21.03 11.53
N LYS A 45 -19.85 20.67 11.50
CA LYS A 45 -20.82 21.31 10.59
C LYS A 45 -20.75 22.84 10.65
N GLY A 46 -20.71 23.36 11.87
CA GLY A 46 -20.65 24.80 12.04
C GLY A 46 -19.44 25.47 11.39
N ARG A 47 -18.24 25.03 11.80
CA ARG A 47 -17.00 25.59 11.27
C ARG A 47 -16.95 25.57 9.74
N VAL A 48 -17.26 24.42 9.17
CA VAL A 48 -17.24 24.28 7.73
C VAL A 48 -18.19 25.27 7.04
N GLU A 49 -19.34 25.52 7.66
CA GLU A 49 -20.30 26.46 7.08
C GLU A 49 -19.75 27.87 7.03
N GLU A 50 -19.02 28.26 8.08
CA GLU A 50 -18.42 29.58 8.13
C GLU A 50 -17.32 29.73 7.09
N PHE A 51 -16.45 28.73 7.01
CA PHE A 51 -15.37 28.74 6.04
C PHE A 51 -15.96 28.81 4.63
N ALA A 52 -17.00 28.02 4.39
CA ALA A 52 -17.66 27.97 3.09
C ALA A 52 -18.29 29.30 2.68
N ALA A 53 -18.73 30.07 3.68
CA ALA A 53 -19.35 31.36 3.45
C ALA A 53 -18.33 32.39 2.99
N GLN A 54 -17.15 32.37 3.61
CA GLN A 54 -16.10 33.29 3.26
C GLN A 54 -15.53 32.99 1.87
N LEU A 55 -15.66 31.74 1.45
CA LEU A 55 -15.16 31.32 0.15
C LEU A 55 -16.28 31.28 -0.90
N GLY A 56 -17.34 32.04 -0.64
CA GLY A 56 -18.46 32.11 -1.56
C GLY A 56 -19.12 30.77 -1.85
N SER A 57 -19.53 30.08 -0.81
CA SER A 57 -20.15 28.77 -0.97
C SER A 57 -21.16 28.46 0.13
N ASP A 58 -22.34 28.01 -0.26
CA ASP A 58 -23.36 27.63 0.71
C ASP A 58 -23.69 26.14 0.54
N ILE A 59 -22.82 25.44 -0.18
CA ILE A 59 -22.94 24.01 -0.40
C ILE A 59 -22.05 23.33 0.63
N VAL A 60 -22.66 22.86 1.72
CA VAL A 60 -21.94 22.19 2.79
C VAL A 60 -22.65 20.89 3.12
N LEU A 61 -22.11 19.78 2.61
CA LEU A 61 -22.70 18.46 2.81
C LEU A 61 -21.96 17.66 3.88
N GLN A 62 -22.63 16.66 4.43
CA GLN A 62 -22.03 15.83 5.46
C GLN A 62 -21.55 14.54 4.78
N CYS A 63 -20.41 14.00 5.23
CA CYS A 63 -19.89 12.78 4.63
C CYS A 63 -18.84 12.04 5.46
N ASP A 64 -19.15 10.78 5.78
CA ASP A 64 -18.26 9.90 6.56
C ASP A 64 -17.84 8.75 5.64
N VAL A 65 -16.62 8.86 5.10
CA VAL A 65 -16.07 7.88 4.19
C VAL A 65 -16.12 6.45 4.68
N ALA A 66 -16.32 6.26 5.98
CA ALA A 66 -16.40 4.89 6.51
C ALA A 66 -17.72 4.22 6.11
N GLU A 67 -18.64 5.00 5.54
CA GLU A 67 -19.95 4.51 5.13
C GLU A 67 -20.23 4.70 3.64
N ASP A 68 -20.52 3.61 2.92
CA ASP A 68 -20.83 3.74 1.49
C ASP A 68 -22.09 4.58 1.31
N ALA A 69 -23.05 4.40 2.22
CA ALA A 69 -24.32 5.11 2.17
C ALA A 69 -24.16 6.61 2.37
N SER A 70 -23.25 7.01 3.26
CA SER A 70 -23.01 8.42 3.51
C SER A 70 -22.37 9.10 2.30
N ILE A 71 -21.60 8.33 1.53
CA ILE A 71 -20.95 8.86 0.33
C ILE A 71 -21.98 8.95 -0.79
N ASP A 72 -22.91 7.99 -0.80
CA ASP A 72 -23.97 7.94 -1.80
C ASP A 72 -24.94 9.11 -1.70
N THR A 73 -25.39 9.36 -0.48
CA THR A 73 -26.33 10.43 -0.23
C THR A 73 -25.69 11.77 -0.50
N MET A 74 -24.46 11.94 -0.07
CA MET A 74 -23.75 13.19 -0.26
C MET A 74 -23.75 13.59 -1.74
N PHE A 75 -23.35 12.68 -2.63
CA PHE A 75 -23.34 12.99 -4.06
C PHE A 75 -24.75 13.06 -4.63
N ALA A 76 -25.74 12.52 -3.91
CA ALA A 76 -27.13 12.57 -4.35
C ALA A 76 -27.58 14.00 -4.12
N GLU A 77 -27.27 14.51 -2.93
CA GLU A 77 -27.60 15.88 -2.58
C GLU A 77 -26.87 16.82 -3.53
N LEU A 78 -25.55 16.66 -3.60
CA LEU A 78 -24.73 17.51 -4.46
C LEU A 78 -25.24 17.52 -5.90
N GLY A 79 -25.74 16.39 -6.37
CA GLY A 79 -26.23 16.32 -7.74
C GLY A 79 -27.40 17.25 -8.03
N LYS A 80 -28.04 17.77 -6.98
CA LYS A 80 -29.18 18.66 -7.15
C LYS A 80 -28.72 20.05 -7.57
N VAL A 81 -27.55 20.46 -7.08
CA VAL A 81 -26.98 21.75 -7.43
C VAL A 81 -26.01 21.55 -8.60
N TRP A 82 -25.04 20.66 -8.41
CA TRP A 82 -24.04 20.36 -9.45
C TRP A 82 -24.32 19.04 -10.12
N PRO A 83 -25.26 19.00 -11.06
CA PRO A 83 -25.56 17.73 -11.74
C PRO A 83 -24.30 17.15 -12.36
N LYS A 84 -23.30 18.02 -12.51
CA LYS A 84 -22.00 17.64 -13.04
C LYS A 84 -20.96 18.61 -12.51
N PHE A 85 -19.79 18.09 -12.14
CA PHE A 85 -18.72 18.92 -11.62
C PHE A 85 -17.37 18.45 -12.13
N ASP A 86 -16.30 19.15 -11.76
CA ASP A 86 -14.99 18.81 -12.29
C ASP A 86 -13.96 18.22 -11.35
N GLY A 87 -14.40 17.36 -10.45
CA GLY A 87 -13.47 16.71 -9.57
C GLY A 87 -13.56 17.08 -8.11
N PHE A 88 -12.71 16.43 -7.32
CA PHE A 88 -12.66 16.67 -5.90
C PHE A 88 -11.25 16.46 -5.33
N VAL A 89 -11.05 17.03 -4.13
CA VAL A 89 -9.79 16.95 -3.41
C VAL A 89 -10.02 16.09 -2.20
N HIS A 90 -9.32 14.97 -2.17
CA HIS A 90 -9.40 14.01 -1.08
C HIS A 90 -8.33 14.30 -0.01
N SER A 91 -8.72 15.00 1.06
CA SER A 91 -7.80 15.35 2.14
C SER A 91 -8.20 14.62 3.42
N ILE A 92 -8.32 13.29 3.33
CA ILE A 92 -8.75 12.44 4.43
C ILE A 92 -7.82 11.29 4.82
N ALA A 93 -7.54 11.16 6.13
CA ALA A 93 -6.69 10.09 6.65
C ALA A 93 -6.97 9.82 8.12
N PHE A 94 -6.90 8.56 8.54
CA PHE A 94 -7.16 8.21 9.94
C PHE A 94 -6.66 6.84 10.37
N ALA A 95 -6.32 6.73 11.66
CA ALA A 95 -5.86 5.48 12.26
C ALA A 95 -5.91 5.67 13.78
N PRO A 96 -6.29 4.61 14.52
CA PRO A 96 -6.35 4.75 15.99
C PRO A 96 -4.99 5.16 16.55
N GLY A 97 -5.02 6.13 17.48
CA GLY A 97 -3.80 6.64 18.08
C GLY A 97 -2.82 5.62 18.59
N ASP A 98 -3.32 4.46 18.99
CA ASP A 98 -2.47 3.39 19.50
C ASP A 98 -1.61 2.70 18.41
N GLN A 99 -1.78 3.10 17.17
CA GLN A 99 -1.04 2.52 16.06
C GLN A 99 0.11 3.43 15.70
N LEU A 100 0.00 4.68 16.12
CA LEU A 100 0.98 5.70 15.79
C LEU A 100 2.01 6.03 16.83
N ASP A 101 2.38 5.06 17.65
CA ASP A 101 3.35 5.34 18.69
C ASP A 101 4.15 4.11 19.11
N GLY A 102 5.45 4.18 18.91
CA GLY A 102 6.31 3.07 19.30
C GLY A 102 6.66 2.10 18.19
N ASP A 103 7.31 1.01 18.59
CA ASP A 103 7.72 -0.04 17.67
C ASP A 103 6.53 -0.44 16.79
N TYR A 104 6.77 -0.44 15.49
CA TYR A 104 5.75 -0.79 14.52
C TYR A 104 5.20 -2.21 14.70
N VAL A 105 6.08 -3.19 14.76
CA VAL A 105 5.65 -4.58 14.91
C VAL A 105 4.83 -4.81 16.17
N ASN A 106 5.10 -4.05 17.22
CA ASN A 106 4.32 -4.23 18.44
C ASN A 106 3.05 -3.41 18.41
N ALA A 107 3.10 -2.22 17.82
CA ALA A 107 1.92 -1.37 17.77
C ALA A 107 0.80 -1.86 16.85
N VAL A 108 1.16 -2.33 15.67
CA VAL A 108 0.15 -2.77 14.70
C VAL A 108 -0.76 -3.93 15.16
N THR A 109 -2.04 -3.83 14.78
CA THR A 109 -3.07 -4.84 15.09
C THR A 109 -3.90 -5.01 13.82
N ARG A 110 -4.59 -6.13 13.69
CA ARG A 110 -5.38 -6.38 12.50
C ARG A 110 -6.45 -5.28 12.31
N GLU A 111 -7.05 -4.87 13.43
CA GLU A 111 -8.08 -3.82 13.44
C GLU A 111 -7.48 -2.47 13.00
N GLY A 112 -6.40 -2.07 13.67
CA GLY A 112 -5.74 -0.81 13.35
C GLY A 112 -5.35 -0.74 11.88
N PHE A 113 -4.86 -1.86 11.35
CA PHE A 113 -4.44 -1.98 9.94
C PHE A 113 -5.63 -1.77 9.01
N LYS A 114 -6.69 -2.53 9.24
CA LYS A 114 -7.92 -2.48 8.44
C LYS A 114 -8.47 -1.05 8.36
N ILE A 115 -8.62 -0.42 9.51
CA ILE A 115 -9.16 0.93 9.58
C ILE A 115 -8.32 1.95 8.81
N ALA A 116 -7.02 1.95 9.07
CA ALA A 116 -6.08 2.87 8.42
C ALA A 116 -6.18 2.81 6.90
N HIS A 117 -6.22 1.60 6.36
CA HIS A 117 -6.31 1.41 4.91
C HIS A 117 -7.68 1.77 4.35
N ASP A 118 -8.70 1.53 5.15
CA ASP A 118 -10.06 1.80 4.75
C ASP A 118 -10.31 3.28 4.61
N ILE A 119 -10.08 4.03 5.70
CA ILE A 119 -10.30 5.47 5.73
C ILE A 119 -9.29 6.28 4.89
N SER A 120 -8.00 5.96 5.04
CA SER A 120 -6.95 6.70 4.35
C SER A 120 -6.67 6.33 2.90
N SER A 121 -7.05 5.13 2.49
CA SER A 121 -6.80 4.72 1.11
C SER A 121 -8.04 4.36 0.33
N TYR A 122 -8.85 3.44 0.84
CA TYR A 122 -10.05 3.03 0.11
C TYR A 122 -11.03 4.18 -0.16
N SER A 123 -11.30 4.98 0.86
CA SER A 123 -12.22 6.11 0.69
C SER A 123 -11.97 6.89 -0.60
N PHE A 124 -10.71 7.03 -0.99
CA PHE A 124 -10.39 7.76 -2.19
C PHE A 124 -11.05 7.14 -3.42
N VAL A 125 -10.90 5.84 -3.60
CA VAL A 125 -11.52 5.21 -4.76
C VAL A 125 -13.05 5.06 -4.56
N ALA A 126 -13.47 4.99 -3.31
CA ALA A 126 -14.89 4.86 -2.99
C ALA A 126 -15.62 6.11 -3.47
N MET A 127 -15.00 7.27 -3.30
CA MET A 127 -15.61 8.52 -3.72
C MET A 127 -15.69 8.61 -5.25
N ALA A 128 -14.68 8.08 -5.93
CA ALA A 128 -14.66 8.09 -7.38
C ALA A 128 -15.75 7.20 -7.95
N LYS A 129 -16.07 6.11 -7.25
CA LYS A 129 -17.11 5.20 -7.69
C LYS A 129 -18.47 5.90 -7.69
N ALA A 130 -18.80 6.56 -6.59
CA ALA A 130 -20.07 7.26 -6.41
C ALA A 130 -20.34 8.50 -7.27
N CYS A 131 -19.30 9.09 -7.86
CA CYS A 131 -19.49 10.29 -8.67
C CYS A 131 -18.90 10.12 -10.07
N ARG A 132 -18.54 8.89 -10.44
CA ARG A 132 -17.93 8.68 -11.76
C ARG A 132 -18.75 9.18 -12.96
N SER A 133 -20.08 9.11 -12.87
CA SER A 133 -20.93 9.54 -13.98
C SER A 133 -21.20 11.02 -13.99
N MET A 134 -20.86 11.71 -12.91
CA MET A 134 -21.09 13.14 -12.81
C MET A 134 -19.89 14.03 -13.20
N LEU A 135 -18.77 13.40 -13.53
CA LEU A 135 -17.57 14.14 -13.88
C LEU A 135 -17.50 14.55 -15.34
N ASN A 136 -17.04 15.77 -15.57
CA ASN A 136 -16.88 16.32 -16.91
C ASN A 136 -15.53 15.93 -17.50
N PRO A 137 -15.42 15.97 -18.83
CA PRO A 137 -14.11 15.62 -19.39
C PRO A 137 -13.20 16.70 -18.83
N GLY A 138 -11.92 16.37 -18.60
CA GLY A 138 -11.01 17.33 -18.05
C GLY A 138 -11.07 17.48 -16.53
N SER A 139 -11.80 16.58 -15.87
CA SER A 139 -11.90 16.61 -14.41
C SER A 139 -10.57 16.20 -13.81
N ALA A 140 -10.35 16.54 -12.55
CA ALA A 140 -9.12 16.19 -11.87
C ALA A 140 -9.43 15.73 -10.46
N LEU A 141 -8.74 14.67 -10.04
CA LEU A 141 -8.88 14.12 -8.69
C LEU A 141 -7.52 14.27 -8.00
N LEU A 142 -7.53 14.76 -6.77
CA LEU A 142 -6.29 14.96 -6.04
C LEU A 142 -6.43 14.43 -4.62
N THR A 143 -5.35 13.81 -4.14
CA THR A 143 -5.31 13.30 -2.78
C THR A 143 -3.97 13.71 -2.22
N LEU A 144 -3.80 13.57 -0.91
CA LEU A 144 -2.57 13.93 -0.22
C LEU A 144 -1.89 12.71 0.39
N SER A 145 -0.57 12.61 0.22
CA SER A 145 0.19 11.49 0.74
C SER A 145 1.39 12.01 1.54
N TYR A 146 2.24 11.10 2.01
CA TYR A 146 3.42 11.47 2.80
C TYR A 146 4.58 10.51 2.53
N LEU A 147 5.81 11.03 2.68
CA LEU A 147 7.03 10.26 2.44
C LEU A 147 7.09 8.93 3.19
N GLY A 148 6.22 8.77 4.18
CA GLY A 148 6.19 7.54 4.95
C GLY A 148 5.79 6.34 4.11
N ALA A 149 5.21 6.62 2.93
CA ALA A 149 4.79 5.56 2.03
C ALA A 149 5.98 5.06 1.22
N GLU A 150 7.07 5.83 1.27
CA GLU A 150 8.29 5.53 0.53
C GLU A 150 9.43 5.07 1.42
N ARG A 151 9.43 5.53 2.67
CA ARG A 151 10.46 5.18 3.60
C ARG A 151 9.87 4.87 4.95
N ALA A 152 10.65 4.15 5.76
CA ALA A 152 10.21 3.78 7.10
C ALA A 152 10.49 4.94 8.02
N ILE A 153 9.44 5.63 8.42
CA ILE A 153 9.55 6.77 9.32
C ILE A 153 8.96 6.42 10.69
N PRO A 154 9.74 6.64 11.76
CA PRO A 154 9.34 6.36 13.14
C PRO A 154 7.92 6.80 13.51
N ASN A 155 7.22 5.95 14.27
CA ASN A 155 5.89 6.29 14.74
C ASN A 155 4.80 6.46 13.69
N TYR A 156 5.17 6.69 12.44
CA TYR A 156 4.16 6.85 11.41
C TYR A 156 3.50 5.47 11.18
N ASN A 157 4.26 4.44 11.51
CA ASN A 157 3.85 3.03 11.43
C ASN A 157 2.88 2.62 10.34
N VAL A 158 1.74 2.06 10.74
CA VAL A 158 0.75 1.59 9.77
C VAL A 158 0.23 2.65 8.80
N MET A 159 0.36 3.92 9.16
CA MET A 159 -0.07 4.96 8.24
C MET A 159 0.83 4.95 7.00
N GLY A 160 2.06 4.46 7.16
CA GLY A 160 2.98 4.38 6.03
C GLY A 160 2.50 3.38 4.99
N LEU A 161 1.91 2.28 5.45
CA LEU A 161 1.38 1.27 4.54
C LEU A 161 0.07 1.72 3.90
N ALA A 162 -0.72 2.51 4.62
CA ALA A 162 -1.97 2.97 4.05
C ALA A 162 -1.64 3.95 2.92
N LYS A 163 -0.62 4.78 3.13
CA LYS A 163 -0.24 5.74 2.10
C LYS A 163 0.34 5.10 0.84
N ALA A 164 1.11 4.02 0.98
CA ALA A 164 1.67 3.34 -0.20
C ALA A 164 0.52 2.77 -1.04
N SER A 165 -0.50 2.26 -0.35
CA SER A 165 -1.67 1.71 -1.00
C SER A 165 -2.36 2.87 -1.71
N LEU A 166 -2.42 4.01 -1.01
CA LEU A 166 -3.03 5.23 -1.53
C LEU A 166 -2.33 5.73 -2.79
N GLU A 167 -1.00 5.70 -2.80
CA GLU A 167 -0.25 6.14 -3.98
C GLU A 167 -0.39 5.16 -5.14
N ALA A 168 -0.58 3.88 -4.82
CA ALA A 168 -0.78 2.87 -5.86
C ALA A 168 -2.21 3.04 -6.39
N ASN A 169 -3.12 3.43 -5.51
CA ASN A 169 -4.51 3.66 -5.87
C ASN A 169 -4.59 4.79 -6.93
N VAL A 170 -3.73 5.80 -6.78
CA VAL A 170 -3.65 6.92 -7.70
C VAL A 170 -3.26 6.46 -9.12
N ARG A 171 -2.34 5.50 -9.19
CA ARG A 171 -1.92 4.98 -10.50
C ARG A 171 -3.00 4.09 -11.11
N TYR A 172 -3.67 3.25 -10.31
CA TYR A 172 -4.73 2.40 -10.84
C TYR A 172 -5.96 3.18 -11.28
N MET A 173 -6.26 4.25 -10.55
CA MET A 173 -7.39 5.10 -10.85
C MET A 173 -7.14 5.91 -12.12
N ALA A 174 -5.95 6.50 -12.23
CA ALA A 174 -5.61 7.30 -13.39
C ALA A 174 -5.58 6.44 -14.64
N ASN A 175 -5.14 5.19 -14.49
CA ASN A 175 -5.09 4.29 -15.63
C ASN A 175 -6.49 3.87 -16.08
N ALA A 176 -7.42 3.74 -15.14
CA ALA A 176 -8.79 3.33 -15.45
C ALA A 176 -9.69 4.44 -15.94
N MET A 177 -9.53 5.62 -15.34
CA MET A 177 -10.35 6.77 -15.67
C MET A 177 -9.75 7.70 -16.72
N GLY A 178 -8.50 7.47 -17.07
CA GLY A 178 -7.82 8.27 -18.08
C GLY A 178 -8.55 8.37 -19.41
N PRO A 179 -9.00 7.26 -19.99
CA PRO A 179 -9.72 7.28 -21.27
C PRO A 179 -11.08 8.00 -21.22
N GLU A 180 -11.47 8.47 -20.03
CA GLU A 180 -12.74 9.18 -19.83
C GLU A 180 -12.46 10.67 -19.65
N GLY A 181 -11.20 11.06 -19.79
CA GLY A 181 -10.86 12.47 -19.61
C GLY A 181 -10.76 12.89 -18.15
N VAL A 182 -10.38 11.97 -17.27
CA VAL A 182 -10.20 12.28 -15.85
C VAL A 182 -8.75 12.02 -15.49
N ARG A 183 -8.14 12.94 -14.75
CA ARG A 183 -6.76 12.78 -14.33
C ARG A 183 -6.75 12.59 -12.82
N VAL A 184 -5.86 11.71 -12.35
CA VAL A 184 -5.75 11.43 -10.92
C VAL A 184 -4.30 11.60 -10.50
N ASN A 185 -4.08 12.44 -9.50
CA ASN A 185 -2.73 12.71 -9.02
C ASN A 185 -2.72 12.84 -7.50
N ALA A 186 -1.52 12.93 -6.94
CA ALA A 186 -1.37 13.06 -5.50
C ALA A 186 -0.23 14.02 -5.19
N ILE A 187 -0.29 14.65 -4.02
CA ILE A 187 0.78 15.53 -3.60
C ILE A 187 1.35 14.92 -2.33
N SER A 188 2.65 14.69 -2.34
CA SER A 188 3.30 14.14 -1.15
C SER A 188 3.84 15.37 -0.41
N ALA A 189 3.12 15.79 0.62
CA ALA A 189 3.48 16.97 1.38
C ALA A 189 4.44 16.71 2.53
N GLY A 190 5.26 17.72 2.83
CA GLY A 190 6.20 17.63 3.93
C GLY A 190 5.43 17.98 5.19
N PRO A 191 6.06 17.85 6.39
CA PRO A 191 5.42 18.15 7.67
C PRO A 191 4.85 19.58 7.80
N ILE A 192 3.56 19.65 8.15
CA ILE A 192 2.86 20.91 8.34
C ILE A 192 2.13 20.88 9.69
N ARG A 193 2.11 22.00 10.40
CA ARG A 193 1.43 22.06 11.71
C ARG A 193 -0.10 22.13 11.55
N THR A 194 -0.72 20.96 11.41
CA THR A 194 -2.17 20.88 11.26
C THR A 194 -2.80 20.32 12.53
N LEU A 195 -4.13 20.19 12.53
CA LEU A 195 -4.85 19.68 13.69
C LEU A 195 -4.63 18.19 13.94
N ALA A 196 -4.39 17.42 12.89
CA ALA A 196 -4.18 15.97 13.01
C ALA A 196 -2.71 15.58 13.14
N ALA A 197 -1.81 16.55 12.95
CA ALA A 197 -0.38 16.33 13.03
C ALA A 197 0.07 16.07 14.46
N SER A 198 -0.66 16.64 15.42
CA SER A 198 -0.32 16.47 16.82
C SER A 198 -0.59 15.02 17.22
N GLY A 199 -1.25 14.27 16.34
CA GLY A 199 -1.55 12.88 16.61
C GLY A 199 -0.37 11.94 16.37
N ILE A 200 0.69 12.48 15.78
CA ILE A 200 1.89 11.71 15.48
C ILE A 200 2.92 11.90 16.59
N LYS A 201 3.41 10.79 17.14
CA LYS A 201 4.39 10.82 18.21
C LYS A 201 5.62 11.63 17.81
N ASP A 202 5.97 12.63 18.62
CA ASP A 202 7.11 13.49 18.34
C ASP A 202 7.03 14.11 16.95
N PHE A 203 6.25 15.19 16.84
CA PHE A 203 6.07 15.88 15.57
C PHE A 203 6.80 17.21 15.54
N ARG A 204 6.69 17.97 16.63
CA ARG A 204 7.36 19.27 16.70
C ARG A 204 8.84 19.14 16.44
N LYS A 205 9.40 17.98 16.80
CA LYS A 205 10.83 17.73 16.63
C LYS A 205 11.06 17.10 15.27
N MET A 206 9.98 16.53 14.72
CA MET A 206 10.03 15.90 13.41
C MET A 206 9.89 17.01 12.37
N LEU A 207 9.54 18.20 12.87
CA LEU A 207 9.35 19.38 12.02
C LEU A 207 10.56 20.30 12.18
N ALA A 208 11.17 20.27 13.36
CA ALA A 208 12.33 21.11 13.64
C ALA A 208 13.53 20.58 12.88
N HIS A 209 13.60 19.25 12.79
CA HIS A 209 14.67 18.55 12.08
C HIS A 209 14.51 18.77 10.59
N CYS A 210 13.29 18.57 10.12
CA CYS A 210 12.94 18.70 8.73
C CYS A 210 13.31 20.06 8.12
N GLU A 211 12.93 21.15 8.78
CA GLU A 211 13.22 22.48 8.24
C GLU A 211 14.70 22.84 8.36
N ALA A 212 15.51 21.92 8.81
CA ALA A 212 16.94 22.15 8.95
C ALA A 212 17.75 21.45 7.85
N VAL A 213 17.33 20.23 7.51
CA VAL A 213 17.99 19.44 6.48
C VAL A 213 17.34 19.59 5.10
N THR A 214 16.32 20.45 5.02
CA THR A 214 15.62 20.66 3.74
C THR A 214 16.32 21.70 2.87
N PRO A 215 16.54 21.37 1.58
CA PRO A 215 17.19 22.26 0.62
C PRO A 215 16.77 23.72 0.77
N ILE A 216 15.45 23.98 0.77
CA ILE A 216 14.95 25.34 0.90
C ILE A 216 15.00 25.91 2.33
N ARG A 217 15.50 25.11 3.26
CA ARG A 217 15.65 25.53 4.66
C ARG A 217 14.44 26.11 5.37
N ARG A 218 13.27 25.51 5.13
CA ARG A 218 12.03 25.91 5.77
C ARG A 218 11.02 24.84 5.43
N THR A 219 10.04 24.65 6.32
CA THR A 219 8.99 23.66 6.10
C THR A 219 7.92 24.29 5.22
N VAL A 220 7.26 23.50 4.39
CA VAL A 220 6.21 24.03 3.51
C VAL A 220 5.02 24.51 4.33
N THR A 221 4.14 25.26 3.68
CA THR A 221 2.95 25.79 4.32
C THR A 221 1.71 25.33 3.54
N ILE A 222 0.54 25.44 4.16
CA ILE A 222 -0.67 25.06 3.47
C ILE A 222 -0.84 25.93 2.23
N GLU A 223 -0.05 27.00 2.14
CA GLU A 223 -0.08 27.88 0.98
C GLU A 223 0.61 27.20 -0.19
N ASP A 224 1.86 26.79 0.02
CA ASP A 224 2.64 26.11 -1.02
C ASP A 224 1.85 24.89 -1.51
N VAL A 225 1.22 24.18 -0.58
CA VAL A 225 0.44 22.98 -0.92
C VAL A 225 -0.82 23.37 -1.69
N GLY A 226 -1.50 24.41 -1.20
CA GLY A 226 -2.70 24.87 -1.88
C GLY A 226 -2.42 25.21 -3.32
N ASN A 227 -1.41 26.04 -3.53
CA ASN A 227 -1.02 26.45 -4.89
C ASN A 227 -0.70 25.28 -5.81
N SER A 228 0.03 24.29 -5.31
CA SER A 228 0.34 23.13 -6.15
C SER A 228 -0.95 22.38 -6.40
N ALA A 229 -1.84 22.35 -5.41
CA ALA A 229 -3.13 21.67 -5.54
C ALA A 229 -3.97 22.34 -6.63
N ALA A 230 -4.06 23.67 -6.58
CA ALA A 230 -4.84 24.42 -7.57
C ALA A 230 -4.35 24.10 -8.98
N PHE A 231 -3.03 24.03 -9.13
CA PHE A 231 -2.42 23.74 -10.40
C PHE A 231 -2.74 22.33 -10.90
N LEU A 232 -2.61 21.36 -10.02
CA LEU A 232 -2.87 19.96 -10.37
C LEU A 232 -4.32 19.69 -10.75
N CYS A 233 -5.20 20.61 -10.37
CA CYS A 233 -6.61 20.45 -10.68
C CYS A 233 -7.07 21.27 -11.91
N SER A 234 -6.23 22.21 -12.35
CA SER A 234 -6.56 23.04 -13.52
C SER A 234 -6.10 22.39 -14.83
N ASP A 235 -6.62 22.85 -15.96
CA ASP A 235 -6.22 22.31 -17.27
C ASP A 235 -4.76 22.66 -17.57
N LEU A 236 -4.15 23.44 -16.69
CA LEU A 236 -2.75 23.84 -16.87
C LEU A 236 -1.83 22.63 -16.66
N SER A 237 -2.34 21.61 -15.99
CA SER A 237 -1.58 20.39 -15.73
C SER A 237 -2.18 19.19 -16.44
N ALA A 238 -2.82 19.46 -17.57
CA ALA A 238 -3.47 18.44 -18.37
C ALA A 238 -2.52 17.33 -18.84
N GLY A 239 -1.22 17.59 -18.76
CA GLY A 239 -0.26 16.58 -19.19
C GLY A 239 0.20 15.65 -18.07
N ILE A 240 -0.28 15.90 -16.86
CA ILE A 240 0.08 15.12 -15.69
C ILE A 240 -1.07 14.24 -15.17
N SER A 241 -0.76 12.95 -14.95
CA SER A 241 -1.74 12.01 -14.43
C SER A 241 -1.02 10.80 -13.85
N GLY A 242 -1.50 10.35 -12.69
CA GLY A 242 -0.90 9.20 -12.02
C GLY A 242 0.43 9.55 -11.38
N GLU A 243 0.70 10.84 -11.23
CA GLU A 243 1.96 11.28 -10.66
C GLU A 243 1.81 11.62 -9.18
N VAL A 244 2.89 11.47 -8.43
CA VAL A 244 2.91 11.82 -7.02
C VAL A 244 3.98 12.91 -6.93
N VAL A 245 3.58 14.17 -6.88
CA VAL A 245 4.54 15.26 -6.81
C VAL A 245 4.94 15.62 -5.37
N HIS A 246 6.24 15.79 -5.14
CA HIS A 246 6.74 16.11 -3.81
C HIS A 246 6.78 17.59 -3.51
N VAL A 247 5.87 18.03 -2.66
CA VAL A 247 5.83 19.43 -2.27
C VAL A 247 6.32 19.46 -0.84
N ASP A 248 7.62 19.20 -0.68
CA ASP A 248 8.24 19.18 0.64
C ASP A 248 9.57 19.94 0.67
N GLY A 249 9.72 20.91 -0.22
CA GLY A 249 10.93 21.71 -0.27
C GLY A 249 12.18 20.96 -0.72
N GLY A 250 12.02 19.72 -1.17
CA GLY A 250 13.16 18.94 -1.63
C GLY A 250 13.83 18.14 -0.52
N PHE A 251 13.13 17.92 0.56
CA PHE A 251 13.69 17.17 1.68
C PHE A 251 13.98 15.70 1.30
N SER A 252 13.04 15.03 0.66
CA SER A 252 13.24 13.63 0.30
C SER A 252 14.45 13.33 -0.58
N ILE A 253 15.03 14.33 -1.25
CA ILE A 253 16.17 14.08 -2.12
C ILE A 253 17.53 14.27 -1.47
N ALA A 254 17.58 15.01 -0.37
CA ALA A 254 18.84 15.25 0.33
C ALA A 254 19.18 14.03 1.19
N ALA A 255 20.39 14.01 1.74
CA ALA A 255 20.83 12.91 2.58
C ALA A 255 22.08 13.29 3.36
N MET A 256 22.09 13.00 4.66
CA MET A 256 23.24 13.28 5.51
C MET A 256 23.66 14.74 5.56
N ASN A 257 22.82 15.61 6.11
CA ASN A 257 23.15 17.03 6.22
C ASN A 257 23.28 17.38 7.70
N GLU A 258 24.16 18.35 8.01
CA GLU A 258 24.37 18.83 9.38
C GLU A 258 25.42 19.94 9.45
N GLY B 2 25.42 -26.90 2.25
CA GLY B 2 24.97 -25.70 1.51
C GLY B 2 25.12 -24.46 2.36
N PHE B 3 24.94 -23.29 1.77
CA PHE B 3 25.09 -22.05 2.51
C PHE B 3 23.93 -21.77 3.46
N LEU B 4 23.09 -22.79 3.66
CA LEU B 4 21.93 -22.65 4.54
C LEU B 4 21.91 -23.74 5.62
N SER B 5 23.05 -24.41 5.82
CA SER B 5 23.15 -25.46 6.82
C SER B 5 23.04 -24.91 8.24
N GLY B 6 22.30 -25.61 9.10
CA GLY B 6 22.15 -25.17 10.47
C GLY B 6 20.98 -24.21 10.65
N LYS B 7 20.33 -23.86 9.55
CA LYS B 7 19.19 -22.94 9.60
C LYS B 7 17.86 -23.71 9.63
N ARG B 8 16.91 -23.17 10.37
CA ARG B 8 15.58 -23.76 10.47
C ARG B 8 14.57 -22.70 10.02
N ILE B 9 14.05 -22.88 8.82
CA ILE B 9 13.11 -21.93 8.25
C ILE B 9 11.70 -22.48 8.05
N LEU B 10 10.70 -21.65 8.32
CA LEU B 10 9.31 -22.04 8.16
C LEU B 10 8.80 -21.59 6.80
N VAL B 11 8.37 -22.54 5.97
CA VAL B 11 7.85 -22.19 4.65
C VAL B 11 6.32 -22.33 4.60
N THR B 12 5.67 -21.30 4.07
CA THR B 12 4.22 -21.29 3.95
C THR B 12 3.80 -21.19 2.47
N GLY B 13 2.52 -21.39 2.23
CA GLY B 13 1.96 -21.26 0.90
C GLY B 13 2.26 -22.29 -0.16
N VAL B 14 2.60 -23.51 0.23
CA VAL B 14 2.86 -24.56 -0.77
C VAL B 14 1.50 -25.18 -1.07
N ALA B 15 1.09 -25.19 -2.33
CA ALA B 15 -0.20 -25.75 -2.70
C ALA B 15 -0.08 -26.85 -3.75
N SER B 16 0.96 -26.76 -4.57
CA SER B 16 1.21 -27.74 -5.61
C SER B 16 2.68 -27.66 -6.00
N LYS B 17 3.09 -28.50 -6.94
CA LYS B 17 4.47 -28.51 -7.41
C LYS B 17 4.75 -27.27 -8.24
N LEU B 18 3.68 -26.52 -8.54
CA LEU B 18 3.77 -25.30 -9.33
C LEU B 18 3.94 -24.10 -8.42
N SER B 19 3.50 -24.23 -7.16
CA SER B 19 3.61 -23.14 -6.21
C SER B 19 5.03 -22.64 -6.16
N ILE B 20 5.17 -21.32 -5.96
CA ILE B 20 6.47 -20.70 -5.88
C ILE B 20 7.15 -21.13 -4.59
N ALA B 21 6.35 -21.24 -3.53
CA ALA B 21 6.87 -21.65 -2.23
C ALA B 21 7.54 -23.01 -2.34
N TYR B 22 7.06 -23.82 -3.29
CA TYR B 22 7.62 -25.12 -3.50
C TYR B 22 9.02 -25.04 -4.13
N GLY B 23 9.21 -24.10 -5.05
CA GLY B 23 10.51 -23.93 -5.66
C GLY B 23 11.49 -23.42 -4.62
N ILE B 24 10.97 -22.62 -3.70
CA ILE B 24 11.76 -22.05 -2.61
C ILE B 24 12.18 -23.12 -1.59
N ALA B 25 11.22 -23.95 -1.18
CA ALA B 25 11.49 -25.02 -0.22
C ALA B 25 12.56 -25.94 -0.79
N GLN B 26 12.33 -26.31 -2.04
CA GLN B 26 13.22 -27.19 -2.77
C GLN B 26 14.65 -26.67 -2.89
N ALA B 27 14.79 -25.37 -3.11
CA ALA B 27 16.10 -24.76 -3.22
C ALA B 27 16.79 -24.64 -1.87
N MET B 28 16.03 -24.33 -0.82
CA MET B 28 16.61 -24.18 0.51
C MET B 28 17.01 -25.55 1.03
N HIS B 29 16.19 -26.55 0.73
CA HIS B 29 16.49 -27.89 1.16
C HIS B 29 17.85 -28.27 0.59
N ARG B 30 18.02 -28.02 -0.70
CA ARG B 30 19.28 -28.30 -1.40
C ARG B 30 20.48 -27.59 -0.76
N GLU B 31 20.26 -26.48 -0.08
CA GLU B 31 21.36 -25.76 0.54
C GLU B 31 21.60 -26.13 2.00
N GLY B 32 20.94 -27.20 2.46
CA GLY B 32 21.14 -27.66 3.82
C GLY B 32 20.29 -27.12 4.95
N ALA B 33 19.16 -26.48 4.65
CA ALA B 33 18.32 -25.96 5.72
C ALA B 33 17.29 -27.00 6.13
N GLU B 34 16.84 -26.89 7.37
CA GLU B 34 15.80 -27.78 7.90
C GLU B 34 14.51 -26.98 7.68
N LEU B 35 13.54 -27.61 7.04
CA LEU B 35 12.27 -26.93 6.73
C LEU B 35 11.08 -27.29 7.60
N ALA B 36 10.10 -26.39 7.61
CA ALA B 36 8.85 -26.56 8.34
C ALA B 36 7.81 -26.02 7.37
N PHE B 37 6.65 -26.67 7.30
CA PHE B 37 5.62 -26.25 6.38
C PHE B 37 4.30 -25.96 7.08
N THR B 38 3.43 -25.20 6.42
CA THR B 38 2.11 -24.89 6.98
C THR B 38 1.10 -25.06 5.85
N TYR B 39 -0.10 -25.51 6.20
CA TYR B 39 -1.14 -25.67 5.20
C TYR B 39 -2.35 -24.88 5.68
N GLN B 40 -3.07 -24.30 4.73
CA GLN B 40 -4.23 -23.48 5.04
C GLN B 40 -5.44 -24.23 5.58
N ASN B 41 -5.80 -25.36 4.95
CA ASN B 41 -6.98 -26.12 5.33
C ASN B 41 -6.84 -27.61 5.07
N ASP B 42 -7.88 -28.36 5.41
CA ASP B 42 -7.90 -29.81 5.23
C ASP B 42 -7.77 -30.22 3.77
N LYS B 43 -8.07 -29.32 2.85
CA LYS B 43 -7.98 -29.66 1.44
C LYS B 43 -6.52 -29.84 1.03
N LEU B 44 -5.64 -29.04 1.63
CA LEU B 44 -4.21 -29.09 1.31
C LEU B 44 -3.32 -29.92 2.22
N LYS B 45 -3.78 -30.21 3.42
CA LYS B 45 -2.99 -30.96 4.39
C LYS B 45 -2.24 -32.13 3.77
N GLY B 46 -3.00 -33.03 3.18
CA GLY B 46 -2.42 -34.22 2.56
C GLY B 46 -1.26 -34.04 1.60
N ARG B 47 -1.38 -33.12 0.65
CA ARG B 47 -0.31 -32.91 -0.30
C ARG B 47 0.89 -32.23 0.33
N VAL B 48 0.65 -31.41 1.34
CA VAL B 48 1.74 -30.72 2.03
C VAL B 48 2.57 -31.73 2.84
N GLU B 49 1.91 -32.71 3.45
CA GLU B 49 2.61 -33.75 4.20
C GLU B 49 3.47 -34.57 3.22
N GLU B 50 2.94 -34.79 2.04
CA GLU B 50 3.67 -35.54 1.02
C GLU B 50 4.93 -34.78 0.64
N PHE B 51 4.79 -33.50 0.33
CA PHE B 51 5.94 -32.68 -0.04
C PHE B 51 6.94 -32.60 1.10
N ALA B 52 6.44 -32.31 2.31
CA ALA B 52 7.31 -32.21 3.47
C ALA B 52 8.16 -33.47 3.65
N ALA B 53 7.57 -34.61 3.35
CA ALA B 53 8.27 -35.88 3.47
C ALA B 53 9.42 -35.93 2.48
N GLN B 54 9.14 -35.59 1.22
CA GLN B 54 10.17 -35.60 0.19
C GLN B 54 11.33 -34.68 0.53
N LEU B 55 11.08 -33.68 1.37
CA LEU B 55 12.13 -32.75 1.75
C LEU B 55 12.62 -33.00 3.18
N GLY B 56 12.49 -34.25 3.61
CA GLY B 56 12.95 -34.64 4.93
C GLY B 56 12.39 -33.88 6.10
N SER B 57 11.14 -33.43 6.01
CA SER B 57 10.55 -32.71 7.13
C SER B 57 9.28 -33.42 7.55
N ASP B 58 8.93 -33.27 8.81
CA ASP B 58 7.74 -33.90 9.36
C ASP B 58 6.92 -32.88 10.16
N ILE B 59 7.36 -31.63 10.11
CA ILE B 59 6.68 -30.54 10.81
C ILE B 59 5.74 -29.92 9.80
N VAL B 60 4.48 -30.28 9.87
CA VAL B 60 3.47 -29.77 8.96
C VAL B 60 2.34 -29.27 9.85
N LEU B 61 2.15 -27.95 9.89
CA LEU B 61 1.14 -27.36 10.74
C LEU B 61 0.07 -26.60 9.96
N GLN B 62 -1.13 -26.57 10.52
CA GLN B 62 -2.27 -25.88 9.93
C GLN B 62 -2.16 -24.39 10.27
N CYS B 63 -2.45 -23.52 9.30
CA CYS B 63 -2.41 -22.09 9.57
C CYS B 63 -3.15 -21.26 8.53
N ASP B 64 -4.12 -20.49 9.02
CA ASP B 64 -4.93 -19.59 8.21
C ASP B 64 -4.62 -18.19 8.72
N VAL B 65 -3.89 -17.41 7.93
CA VAL B 65 -3.51 -16.06 8.33
C VAL B 65 -4.70 -15.13 8.51
N ALA B 66 -5.90 -15.63 8.25
CA ALA B 66 -7.10 -14.82 8.43
C ALA B 66 -7.44 -14.64 9.91
N GLU B 67 -7.09 -15.63 10.74
CA GLU B 67 -7.41 -15.58 12.18
C GLU B 67 -6.16 -15.52 13.04
N ASP B 68 -6.09 -14.53 13.92
CA ASP B 68 -4.93 -14.42 14.80
C ASP B 68 -4.78 -15.67 15.67
N ALA B 69 -5.91 -16.31 15.98
CA ALA B 69 -5.86 -17.51 16.80
C ALA B 69 -5.11 -18.63 16.09
N SER B 70 -5.40 -18.79 14.80
CA SER B 70 -4.75 -19.82 13.99
C SER B 70 -3.23 -19.62 14.01
N ILE B 71 -2.81 -18.37 13.87
CA ILE B 71 -1.40 -18.02 13.87
C ILE B 71 -0.74 -18.27 15.22
N ASP B 72 -1.42 -17.91 16.29
CA ASP B 72 -0.86 -18.13 17.63
C ASP B 72 -0.73 -19.60 17.95
N THR B 73 -1.74 -20.38 17.57
CA THR B 73 -1.70 -21.82 17.83
C THR B 73 -0.59 -22.47 17.03
N MET B 74 -0.49 -22.14 15.76
CA MET B 74 0.55 -22.68 14.87
C MET B 74 1.95 -22.45 15.47
N PHE B 75 2.28 -21.19 15.78
CA PHE B 75 3.58 -20.89 16.36
C PHE B 75 3.79 -21.54 17.73
N ALA B 76 2.71 -21.75 18.48
CA ALA B 76 2.83 -22.40 19.79
C ALA B 76 3.05 -23.89 19.60
N GLU B 77 2.66 -24.42 18.44
CA GLU B 77 2.86 -25.84 18.14
C GLU B 77 4.28 -26.03 17.61
N LEU B 78 4.75 -25.09 16.78
CA LEU B 78 6.09 -25.15 16.23
C LEU B 78 7.13 -25.03 17.35
N GLY B 79 6.84 -24.17 18.32
CA GLY B 79 7.75 -23.96 19.42
C GLY B 79 8.07 -25.23 20.20
N LYS B 80 7.27 -26.28 20.02
CA LYS B 80 7.50 -27.53 20.72
C LYS B 80 8.72 -28.23 20.14
N VAL B 81 8.93 -28.09 18.84
CA VAL B 81 10.06 -28.72 18.18
C VAL B 81 11.18 -27.71 17.89
N TRP B 82 10.79 -26.47 17.61
CA TRP B 82 11.75 -25.41 17.31
C TRP B 82 11.61 -24.25 18.28
N PRO B 83 12.16 -24.39 19.49
CA PRO B 83 12.07 -23.32 20.48
C PRO B 83 12.46 -21.99 19.81
N LYS B 84 13.36 -22.08 18.85
CA LYS B 84 13.81 -20.92 18.09
C LYS B 84 14.13 -21.37 16.69
N PHE B 85 13.88 -20.50 15.72
CA PHE B 85 14.18 -20.82 14.33
C PHE B 85 14.78 -19.58 13.70
N ASP B 86 15.00 -19.61 12.39
CA ASP B 86 15.66 -18.49 11.74
C ASP B 86 14.87 -17.75 10.66
N GLY B 87 13.58 -17.57 10.88
CA GLY B 87 12.77 -16.85 9.90
C GLY B 87 11.78 -17.71 9.15
N PHE B 88 10.98 -17.06 8.31
CA PHE B 88 9.98 -17.75 7.53
C PHE B 88 9.70 -17.09 6.18
N VAL B 89 9.21 -17.89 5.25
CA VAL B 89 8.86 -17.44 3.93
C VAL B 89 7.35 -17.23 3.86
N HIS B 90 6.95 -15.99 3.54
CA HIS B 90 5.55 -15.59 3.41
C HIS B 90 5.23 -15.57 1.92
N SER B 91 4.51 -16.60 1.47
CA SER B 91 4.13 -16.75 0.08
C SER B 91 2.61 -16.93 0.02
N ILE B 92 1.90 -15.97 0.60
CA ILE B 92 0.45 -16.01 0.70
C ILE B 92 -0.24 -14.80 0.10
N ALA B 93 -1.36 -15.03 -0.57
CA ALA B 93 -2.11 -13.92 -1.16
C ALA B 93 -3.50 -14.34 -1.61
N PHE B 94 -4.40 -13.36 -1.60
CA PHE B 94 -5.76 -13.62 -2.02
C PHE B 94 -6.58 -12.36 -2.13
N ALA B 95 -7.63 -12.47 -2.93
CA ALA B 95 -8.58 -11.40 -3.16
C ALA B 95 -9.71 -12.11 -3.90
N PRO B 96 -10.97 -11.75 -3.60
CA PRO B 96 -12.09 -12.40 -4.29
C PRO B 96 -11.86 -12.30 -5.80
N GLY B 97 -12.27 -13.33 -6.53
CA GLY B 97 -12.06 -13.33 -7.97
C GLY B 97 -12.61 -12.13 -8.71
N ASP B 98 -13.82 -11.71 -8.35
CA ASP B 98 -14.49 -10.58 -8.98
C ASP B 98 -13.67 -9.29 -9.00
N GLN B 99 -12.68 -9.20 -8.12
CA GLN B 99 -11.84 -8.02 -8.02
C GLN B 99 -10.83 -7.92 -9.16
N LEU B 100 -10.33 -9.08 -9.61
CA LEU B 100 -9.32 -9.10 -10.66
C LEU B 100 -9.85 -9.28 -12.08
N ASP B 101 -10.90 -8.53 -12.43
CA ASP B 101 -11.50 -8.63 -13.77
C ASP B 101 -12.19 -7.34 -14.22
N GLY B 102 -11.67 -6.74 -15.29
CA GLY B 102 -12.25 -5.51 -15.81
C GLY B 102 -11.81 -4.22 -15.13
N ASP B 103 -12.45 -3.11 -15.51
CA ASP B 103 -12.17 -1.79 -14.98
C ASP B 103 -11.90 -1.87 -13.49
N TYR B 104 -10.82 -1.23 -13.03
CA TYR B 104 -10.44 -1.24 -11.62
C TYR B 104 -11.46 -0.55 -10.73
N VAL B 105 -11.84 0.67 -11.11
CA VAL B 105 -12.78 1.43 -10.33
C VAL B 105 -14.16 0.77 -10.18
N ASN B 106 -14.61 0.05 -11.21
CA ASN B 106 -15.91 -0.61 -11.11
C ASN B 106 -15.84 -1.89 -10.28
N ALA B 107 -14.81 -2.70 -10.50
CA ALA B 107 -14.64 -3.95 -9.79
C ALA B 107 -14.33 -3.81 -8.30
N VAL B 108 -13.49 -2.85 -7.92
CA VAL B 108 -13.16 -2.74 -6.50
C VAL B 108 -14.34 -2.43 -5.59
N THR B 109 -14.41 -3.14 -4.46
CA THR B 109 -15.45 -2.90 -3.46
C THR B 109 -14.73 -2.74 -2.12
N ARG B 110 -15.45 -2.25 -1.11
CA ARG B 110 -14.90 -2.05 0.24
C ARG B 110 -14.41 -3.36 0.85
N GLU B 111 -15.23 -4.41 0.73
CA GLU B 111 -14.93 -5.73 1.22
C GLU B 111 -13.74 -6.37 0.49
N GLY B 112 -13.79 -6.41 -0.84
CA GLY B 112 -12.70 -7.00 -1.62
C GLY B 112 -11.36 -6.38 -1.27
N PHE B 113 -11.38 -5.05 -1.12
CA PHE B 113 -10.22 -4.23 -0.77
C PHE B 113 -9.71 -4.69 0.60
N LYS B 114 -10.64 -4.78 1.55
CA LYS B 114 -10.33 -5.21 2.91
C LYS B 114 -9.67 -6.58 2.95
N ILE B 115 -10.33 -7.54 2.31
CA ILE B 115 -9.81 -8.90 2.27
C ILE B 115 -8.43 -8.92 1.66
N ALA B 116 -8.28 -8.32 0.48
CA ALA B 116 -6.98 -8.29 -0.19
C ALA B 116 -5.85 -7.72 0.67
N HIS B 117 -6.11 -6.63 1.40
CA HIS B 117 -5.08 -6.05 2.25
C HIS B 117 -4.79 -6.90 3.48
N ASP B 118 -5.84 -7.49 4.03
CA ASP B 118 -5.73 -8.33 5.22
C ASP B 118 -4.88 -9.58 5.01
N ILE B 119 -5.27 -10.39 4.04
CA ILE B 119 -4.58 -11.63 3.73
C ILE B 119 -3.22 -11.46 3.03
N SER B 120 -3.10 -10.45 2.18
CA SER B 120 -1.88 -10.24 1.42
C SER B 120 -0.83 -9.26 1.97
N SER B 121 -1.21 -8.42 2.92
CA SER B 121 -0.24 -7.49 3.47
C SER B 121 -0.13 -7.57 4.99
N TYR B 122 -1.26 -7.54 5.69
CA TYR B 122 -1.20 -7.61 7.16
C TYR B 122 -0.67 -8.94 7.67
N SER B 123 -1.07 -10.05 7.04
CA SER B 123 -0.63 -11.36 7.50
C SER B 123 0.88 -11.51 7.65
N PHE B 124 1.65 -10.72 6.91
CA PHE B 124 3.10 -10.76 7.00
C PHE B 124 3.61 -10.21 8.34
N VAL B 125 3.05 -9.09 8.81
CA VAL B 125 3.48 -8.55 10.10
C VAL B 125 2.85 -9.34 11.26
N ALA B 126 1.62 -9.83 11.05
CA ALA B 126 0.92 -10.62 12.06
C ALA B 126 1.77 -11.82 12.44
N MET B 127 2.33 -12.47 11.43
CA MET B 127 3.18 -13.62 11.67
C MET B 127 4.47 -13.24 12.39
N ALA B 128 5.06 -12.10 12.02
CA ALA B 128 6.30 -11.64 12.64
C ALA B 128 6.09 -11.28 14.11
N LYS B 129 4.91 -10.72 14.40
CA LYS B 129 4.56 -10.31 15.74
C LYS B 129 4.43 -11.53 16.67
N ALA B 130 3.84 -12.58 16.14
CA ALA B 130 3.60 -13.81 16.89
C ALA B 130 4.84 -14.67 17.17
N CYS B 131 5.87 -14.54 16.34
CA CYS B 131 7.07 -15.36 16.52
C CYS B 131 8.29 -14.53 16.87
N ARG B 132 8.11 -13.22 16.99
CA ARG B 132 9.21 -12.31 17.29
C ARG B 132 10.22 -12.80 18.35
N SER B 133 9.72 -13.28 19.47
CA SER B 133 10.62 -13.76 20.53
C SER B 133 11.22 -15.13 20.21
N MET B 134 10.73 -15.77 19.16
CA MET B 134 11.25 -17.08 18.79
C MET B 134 12.44 -17.02 17.84
N LEU B 135 12.59 -15.89 17.14
CA LEU B 135 13.64 -15.72 16.14
C LEU B 135 15.06 -15.48 16.65
N ASN B 136 16.02 -16.22 16.11
CA ASN B 136 17.41 -16.06 16.52
C ASN B 136 18.09 -14.90 15.78
N PRO B 137 19.21 -14.40 16.32
CA PRO B 137 19.87 -13.31 15.62
C PRO B 137 20.29 -13.88 14.27
N GLY B 138 20.34 -13.05 13.25
CA GLY B 138 20.74 -13.54 11.94
C GLY B 138 19.58 -14.13 11.17
N SER B 139 18.37 -13.99 11.68
CA SER B 139 17.18 -14.52 11.00
C SER B 139 16.74 -13.60 9.86
N ALA B 140 16.07 -14.17 8.87
CA ALA B 140 15.57 -13.40 7.74
C ALA B 140 14.09 -13.72 7.48
N LEU B 141 13.30 -12.72 7.12
CA LEU B 141 11.90 -12.92 6.81
C LEU B 141 11.75 -12.51 5.37
N LEU B 142 11.07 -13.32 4.56
CA LEU B 142 10.90 -13.02 3.15
C LEU B 142 9.45 -13.13 2.64
N THR B 143 9.04 -12.16 1.83
CA THR B 143 7.71 -12.20 1.24
C THR B 143 7.87 -12.01 -0.27
N LEU B 144 6.79 -12.29 -1.03
CA LEU B 144 6.80 -12.20 -2.49
C LEU B 144 5.83 -11.16 -3.06
N SER B 145 6.38 -10.15 -3.73
CA SER B 145 5.56 -9.10 -4.35
C SER B 145 5.48 -9.25 -5.86
N TYR B 146 4.92 -8.24 -6.51
CA TYR B 146 4.78 -8.23 -7.96
C TYR B 146 4.79 -6.81 -8.52
N LEU B 147 5.22 -6.65 -9.76
CA LEU B 147 5.29 -5.35 -10.42
C LEU B 147 4.01 -4.51 -10.22
N GLY B 148 2.85 -5.17 -10.19
CA GLY B 148 1.60 -4.47 -10.01
C GLY B 148 1.61 -3.44 -8.92
N ALA B 149 2.56 -3.60 -7.99
CA ALA B 149 2.71 -2.68 -6.86
C ALA B 149 3.29 -1.34 -7.28
N GLU B 150 4.12 -1.36 -8.32
CA GLU B 150 4.80 -0.16 -8.84
C GLU B 150 4.08 0.52 -10.01
N ARG B 151 3.59 -0.27 -10.95
CA ARG B 151 2.88 0.26 -12.10
C ARG B 151 1.46 -0.26 -12.03
N ALA B 152 0.58 0.35 -12.81
CA ALA B 152 -0.81 -0.07 -12.86
C ALA B 152 -0.93 -1.06 -14.00
N ILE B 153 -1.26 -2.29 -13.64
CA ILE B 153 -1.41 -3.38 -14.60
C ILE B 153 -2.87 -3.77 -14.70
N PRO B 154 -3.38 -3.95 -15.94
CA PRO B 154 -4.78 -4.34 -16.11
C PRO B 154 -5.17 -5.61 -15.36
N ASN B 155 -6.39 -5.61 -14.84
CA ASN B 155 -6.96 -6.74 -14.09
C ASN B 155 -6.28 -7.09 -12.76
N TYR B 156 -5.04 -6.65 -12.57
CA TYR B 156 -4.32 -6.95 -11.33
C TYR B 156 -5.08 -6.20 -10.23
N ASN B 157 -5.54 -5.01 -10.59
CA ASN B 157 -6.33 -4.15 -9.74
C ASN B 157 -5.99 -4.01 -8.26
N VAL B 158 -6.96 -4.30 -7.40
CA VAL B 158 -6.77 -4.18 -5.96
C VAL B 158 -5.52 -4.89 -5.43
N MET B 159 -5.14 -6.02 -6.02
CA MET B 159 -3.95 -6.70 -5.55
C MET B 159 -2.75 -5.75 -5.63
N GLY B 160 -2.73 -4.91 -6.65
CA GLY B 160 -1.64 -3.98 -6.82
C GLY B 160 -1.49 -3.12 -5.59
N LEU B 161 -2.63 -2.67 -5.05
CA LEU B 161 -2.65 -1.83 -3.87
C LEU B 161 -2.24 -2.58 -2.61
N ALA B 162 -2.62 -3.86 -2.54
CA ALA B 162 -2.25 -4.67 -1.39
C ALA B 162 -0.75 -4.94 -1.40
N LYS B 163 -0.19 -5.05 -2.60
CA LYS B 163 1.23 -5.31 -2.74
C LYS B 163 2.07 -4.09 -2.39
N ALA B 164 1.61 -2.91 -2.79
CA ALA B 164 2.33 -1.68 -2.48
C ALA B 164 2.42 -1.62 -0.97
N SER B 165 1.31 -1.99 -0.33
CA SER B 165 1.19 -2.02 1.11
C SER B 165 2.15 -3.08 1.69
N LEU B 166 2.30 -4.18 0.96
CA LEU B 166 3.18 -5.27 1.38
C LEU B 166 4.62 -4.78 1.38
N GLU B 167 5.02 -4.16 0.27
CA GLU B 167 6.37 -3.66 0.13
C GLU B 167 6.69 -2.56 1.15
N ALA B 168 5.67 -1.79 1.55
CA ALA B 168 5.87 -0.75 2.53
C ALA B 168 6.06 -1.44 3.88
N ASN B 169 5.37 -2.56 4.06
CA ASN B 169 5.44 -3.36 5.29
C ASN B 169 6.89 -3.81 5.48
N VAL B 170 7.45 -4.34 4.40
CA VAL B 170 8.82 -4.81 4.38
C VAL B 170 9.77 -3.75 4.96
N ARG B 171 9.62 -2.50 4.53
CA ARG B 171 10.47 -1.43 5.02
C ARG B 171 10.23 -1.06 6.48
N TYR B 172 8.99 -1.08 6.93
CA TYR B 172 8.69 -0.76 8.33
C TYR B 172 9.08 -1.92 9.27
N MET B 173 8.91 -3.14 8.76
CA MET B 173 9.28 -4.33 9.53
C MET B 173 10.81 -4.40 9.62
N ALA B 174 11.48 -4.23 8.49
CA ALA B 174 12.94 -4.29 8.45
C ALA B 174 13.51 -3.28 9.47
N ASN B 175 13.06 -2.04 9.38
CA ASN B 175 13.53 -1.00 10.28
C ASN B 175 13.22 -1.28 11.75
N ALA B 176 12.09 -1.91 12.01
CA ALA B 176 11.69 -2.20 13.39
C ALA B 176 12.49 -3.34 13.99
N MET B 177 12.70 -4.40 13.21
CA MET B 177 13.40 -5.55 13.73
C MET B 177 14.91 -5.63 13.45
N GLY B 178 15.46 -4.62 12.78
CA GLY B 178 16.87 -4.62 12.46
C GLY B 178 17.77 -4.68 13.71
N PRO B 179 17.52 -3.84 14.73
CA PRO B 179 18.35 -3.88 15.92
C PRO B 179 18.39 -5.24 16.64
N GLU B 180 17.28 -5.98 16.62
CA GLU B 180 17.22 -7.30 17.26
C GLU B 180 18.02 -8.30 16.43
N GLY B 181 18.46 -7.89 15.25
CA GLY B 181 19.23 -8.80 14.41
C GLY B 181 18.36 -9.57 13.42
N VAL B 182 17.23 -9.00 13.04
CA VAL B 182 16.36 -9.66 12.08
C VAL B 182 16.31 -8.84 10.79
N ARG B 183 16.43 -9.53 9.65
CA ARG B 183 16.37 -8.87 8.35
C ARG B 183 15.04 -9.20 7.68
N VAL B 184 14.52 -8.24 6.90
CA VAL B 184 13.26 -8.41 6.18
C VAL B 184 13.37 -7.91 4.76
N ASN B 185 13.06 -8.77 3.80
CA ASN B 185 13.15 -8.42 2.39
C ASN B 185 12.00 -9.01 1.59
N ALA B 186 11.92 -8.62 0.33
CA ALA B 186 10.88 -9.15 -0.53
C ALA B 186 11.45 -9.37 -1.93
N ILE B 187 10.93 -10.36 -2.62
CA ILE B 187 11.34 -10.64 -3.99
C ILE B 187 10.15 -10.27 -4.85
N SER B 188 10.41 -9.46 -5.88
CA SER B 188 9.35 -9.06 -6.78
C SER B 188 9.56 -9.94 -7.99
N ALA B 189 8.89 -11.09 -7.98
CA ALA B 189 9.00 -12.06 -9.04
C ALA B 189 8.16 -11.73 -10.26
N GLY B 190 8.60 -12.23 -11.41
CA GLY B 190 7.87 -12.01 -12.63
C GLY B 190 6.77 -13.03 -12.78
N PRO B 191 5.91 -12.88 -13.81
CA PRO B 191 4.81 -13.81 -14.05
C PRO B 191 5.28 -15.26 -14.14
N ILE B 192 4.62 -16.13 -13.40
CA ILE B 192 4.94 -17.55 -13.40
C ILE B 192 3.61 -18.32 -13.48
N ARG B 193 3.62 -19.40 -14.25
CA ARG B 193 2.43 -20.25 -14.43
C ARG B 193 2.22 -21.12 -13.19
N THR B 194 1.41 -20.64 -12.25
CA THR B 194 1.10 -21.37 -11.03
C THR B 194 -0.38 -21.70 -10.97
N LEU B 195 -0.91 -21.87 -9.77
CA LEU B 195 -2.34 -22.20 -9.61
C LEU B 195 -3.20 -20.94 -9.45
N ALA B 196 -2.73 -20.00 -8.65
CA ALA B 196 -3.48 -18.76 -8.40
C ALA B 196 -3.31 -17.76 -9.53
N ALA B 197 -2.30 -17.98 -10.37
CA ALA B 197 -2.03 -17.10 -11.49
C ALA B 197 -3.14 -17.20 -12.54
N SER B 198 -3.94 -18.26 -12.43
CA SER B 198 -5.04 -18.48 -13.37
C SER B 198 -6.26 -17.66 -13.01
N GLY B 199 -6.26 -17.09 -11.81
CA GLY B 199 -7.38 -16.28 -11.36
C GLY B 199 -7.41 -14.91 -12.00
N ILE B 200 -6.29 -14.51 -12.58
CA ILE B 200 -6.19 -13.21 -13.23
C ILE B 200 -6.58 -13.35 -14.69
N LYS B 201 -7.57 -12.57 -15.12
CA LYS B 201 -8.04 -12.62 -16.50
C LYS B 201 -6.91 -12.34 -17.48
N ASP B 202 -6.94 -13.02 -18.62
CA ASP B 202 -5.92 -12.84 -19.65
C ASP B 202 -4.53 -12.92 -19.02
N PHE B 203 -4.10 -14.14 -18.70
CA PHE B 203 -2.79 -14.34 -18.11
C PHE B 203 -1.88 -15.06 -19.09
N ARG B 204 -2.45 -15.96 -19.88
CA ARG B 204 -1.69 -16.71 -20.87
C ARG B 204 -1.01 -15.74 -21.83
N LYS B 205 -1.59 -14.56 -21.98
CA LYS B 205 -1.06 -13.54 -22.87
C LYS B 205 -0.05 -12.68 -22.14
N MET B 206 -0.34 -12.37 -20.88
CA MET B 206 0.54 -11.55 -20.05
C MET B 206 1.92 -12.19 -19.88
N LEU B 207 2.00 -13.49 -20.18
CA LEU B 207 3.24 -14.24 -20.07
C LEU B 207 4.01 -14.17 -21.39
N ALA B 208 3.27 -14.26 -22.49
CA ALA B 208 3.86 -14.22 -23.82
C ALA B 208 4.42 -12.82 -24.10
N HIS B 209 3.92 -11.84 -23.35
CA HIS B 209 4.35 -10.46 -23.51
C HIS B 209 5.70 -10.27 -22.84
N CYS B 210 5.78 -10.67 -21.58
CA CYS B 210 7.01 -10.55 -20.82
C CYS B 210 8.05 -11.45 -21.48
N GLU B 211 7.56 -12.43 -22.23
CA GLU B 211 8.39 -13.39 -22.94
C GLU B 211 9.39 -12.72 -23.88
N ALA B 212 8.85 -12.00 -24.87
CA ALA B 212 9.67 -11.33 -25.88
C ALA B 212 10.10 -9.90 -25.57
N VAL B 213 9.76 -9.39 -24.39
CA VAL B 213 10.12 -8.03 -24.00
C VAL B 213 11.16 -8.07 -22.89
N THR B 214 11.27 -9.19 -22.19
CA THR B 214 12.22 -9.33 -21.12
C THR B 214 13.64 -9.45 -21.63
N PRO B 215 14.56 -8.64 -21.09
CA PRO B 215 15.98 -8.64 -21.49
C PRO B 215 16.58 -10.02 -21.66
N ILE B 216 16.36 -10.92 -20.71
CA ILE B 216 16.92 -12.26 -20.83
C ILE B 216 16.14 -13.13 -21.83
N ARG B 217 15.07 -12.57 -22.39
CA ARG B 217 14.23 -13.26 -23.37
C ARG B 217 13.62 -14.60 -22.92
N ARG B 218 13.03 -14.58 -21.73
CA ARG B 218 12.37 -15.76 -21.16
C ARG B 218 11.83 -15.33 -19.82
N THR B 219 10.80 -16.03 -19.34
CA THR B 219 10.24 -15.69 -18.05
C THR B 219 11.00 -16.47 -16.97
N VAL B 220 10.88 -16.01 -15.73
CA VAL B 220 11.56 -16.67 -14.64
C VAL B 220 10.82 -17.95 -14.23
N THR B 221 11.55 -18.86 -13.61
CA THR B 221 10.98 -20.12 -13.17
C THR B 221 10.95 -20.15 -11.65
N ILE B 222 10.22 -21.09 -11.06
CA ILE B 222 10.18 -21.15 -9.61
C ILE B 222 11.59 -21.48 -9.11
N GLU B 223 12.44 -22.02 -9.99
CA GLU B 223 13.81 -22.32 -9.60
C GLU B 223 14.56 -21.00 -9.45
N ASP B 224 14.38 -20.09 -10.40
CA ASP B 224 15.03 -18.79 -10.35
C ASP B 224 14.71 -18.09 -9.04
N VAL B 225 13.42 -18.12 -8.69
CA VAL B 225 12.97 -17.51 -7.45
C VAL B 225 13.50 -18.22 -6.21
N GLY B 226 13.55 -19.56 -6.25
CA GLY B 226 14.06 -20.31 -5.12
C GLY B 226 15.48 -19.93 -4.78
N ASN B 227 16.32 -19.85 -5.81
CA ASN B 227 17.72 -19.51 -5.62
C ASN B 227 17.90 -18.14 -4.98
N SER B 228 17.10 -17.18 -5.43
CA SER B 228 17.16 -15.83 -4.88
C SER B 228 16.62 -15.77 -3.45
N ALA B 229 15.64 -16.60 -3.14
CA ALA B 229 15.07 -16.63 -1.78
C ALA B 229 16.04 -17.35 -0.83
N ALA B 230 16.64 -18.43 -1.30
CA ALA B 230 17.60 -19.17 -0.47
C ALA B 230 18.71 -18.21 -0.06
N PHE B 231 19.16 -17.40 -1.02
CA PHE B 231 20.21 -16.44 -0.77
C PHE B 231 19.76 -15.33 0.18
N LEU B 232 18.60 -14.74 -0.11
CA LEU B 232 18.06 -13.67 0.73
C LEU B 232 17.79 -14.12 2.16
N CYS B 233 17.74 -15.43 2.37
CA CYS B 233 17.51 -15.96 3.70
C CYS B 233 18.77 -16.53 4.35
N SER B 234 19.90 -16.48 3.63
CA SER B 234 21.17 -17.00 4.13
C SER B 234 22.03 -15.89 4.73
N ASP B 235 23.09 -16.26 5.44
CA ASP B 235 23.97 -15.27 6.04
C ASP B 235 24.80 -14.57 4.99
N LEU B 236 24.67 -14.99 3.73
CA LEU B 236 25.39 -14.38 2.63
C LEU B 236 24.81 -13.00 2.30
N SER B 237 23.54 -12.78 2.65
CA SER B 237 22.89 -11.49 2.39
C SER B 237 22.78 -10.68 3.68
N ALA B 238 23.75 -10.86 4.57
CA ALA B 238 23.81 -10.16 5.85
C ALA B 238 23.72 -8.64 5.76
N GLY B 239 24.06 -8.10 4.60
CA GLY B 239 24.00 -6.65 4.44
C GLY B 239 22.80 -6.15 3.66
N ILE B 240 21.82 -7.02 3.42
CA ILE B 240 20.64 -6.64 2.68
C ILE B 240 19.39 -6.71 3.54
N SER B 241 18.71 -5.58 3.68
CA SER B 241 17.51 -5.54 4.48
C SER B 241 16.59 -4.39 4.06
N GLY B 242 15.30 -4.68 4.08
CA GLY B 242 14.31 -3.70 3.70
C GLY B 242 14.26 -3.51 2.20
N GLU B 243 14.88 -4.43 1.48
CA GLU B 243 14.97 -4.35 0.03
C GLU B 243 13.93 -5.19 -0.72
N VAL B 244 13.57 -4.71 -1.90
CA VAL B 244 12.64 -5.40 -2.80
C VAL B 244 13.45 -5.62 -4.09
N VAL B 245 14.02 -6.81 -4.26
CA VAL B 245 14.82 -7.11 -5.44
C VAL B 245 13.95 -7.77 -6.50
N HIS B 246 14.05 -7.28 -7.72
CA HIS B 246 13.28 -7.83 -8.82
C HIS B 246 13.95 -9.04 -9.44
N VAL B 247 13.18 -10.13 -9.52
CA VAL B 247 13.64 -11.37 -10.11
C VAL B 247 12.65 -11.57 -11.26
N ASP B 248 12.76 -10.70 -12.26
CA ASP B 248 11.88 -10.75 -13.42
C ASP B 248 12.67 -10.73 -14.72
N GLY B 249 13.98 -10.92 -14.61
CA GLY B 249 14.84 -10.93 -15.78
C GLY B 249 15.05 -9.57 -16.44
N GLY B 250 14.88 -8.50 -15.66
CA GLY B 250 15.07 -7.16 -16.19
C GLY B 250 13.86 -6.55 -16.87
N PHE B 251 12.73 -7.26 -16.87
CA PHE B 251 11.53 -6.76 -17.52
C PHE B 251 11.11 -5.34 -17.12
N SER B 252 11.27 -5.03 -15.84
CA SER B 252 10.89 -3.74 -15.29
C SER B 252 11.79 -2.56 -15.64
N ILE B 253 13.06 -2.83 -15.95
CA ILE B 253 13.97 -1.74 -16.27
C ILE B 253 14.07 -1.42 -17.75
N ALA B 254 13.16 -2.00 -18.54
CA ALA B 254 13.12 -1.78 -19.98
C ALA B 254 11.80 -1.14 -20.39
N ALA B 255 11.81 -0.49 -21.56
CA ALA B 255 10.61 0.16 -22.04
C ALA B 255 10.57 0.26 -23.56
N MET B 256 9.47 -0.19 -24.13
CA MET B 256 9.25 -0.17 -25.58
C MET B 256 10.18 -1.06 -26.40
N ASN B 257 10.29 -2.32 -26.04
CA ASN B 257 11.15 -3.23 -26.80
C ASN B 257 10.36 -3.75 -28.00
N GLU B 258 9.95 -2.80 -28.85
CA GLU B 258 9.17 -3.11 -30.05
C GLU B 258 7.86 -3.81 -29.69
PA NAD C . -6.64 17.66 9.37
O1A NAD C . -6.99 17.37 10.90
O2A NAD C . -6.65 19.25 9.21
O5B NAD C . -7.78 17.03 8.43
C5B NAD C . -7.89 15.72 8.49
C4B NAD C . -9.21 15.37 8.06
O4B NAD C . -9.54 14.06 8.04
C3B NAD C . -10.23 16.01 8.84
O3B NAD C . -10.78 16.97 8.15
C2B NAD C . -11.06 14.93 9.17
O2B NAD C . -12.29 15.20 9.51
C1B NAD C . -10.88 14.08 8.06
N9A NAD C . -11.46 12.84 8.33
C8A NAD C . -11.01 11.88 9.20
N7A NAD C . -11.84 10.78 9.21
C5A NAD C . -12.82 11.08 8.29
C6A NAD C . -13.94 10.32 7.89
N6A NAD C . -14.16 9.10 8.42
N1A NAD C . -14.78 10.86 6.95
C2A NAD C . -14.56 12.12 6.41
N3A NAD C . -13.45 12.87 6.80
C4A NAD C . -12.60 12.33 7.75
O3 NAD C . -5.11 17.14 9.13
PN NAD C . -4.39 17.26 7.67
O1N NAD C . -2.82 17.39 7.94
O2N NAD C . -4.86 18.57 6.86
O5D NAD C . -4.53 15.86 6.86
C5D NAD C . -5.02 15.93 5.66
C4D NAD C . -4.32 15.09 4.70
O4D NAD C . -3.07 15.57 4.46
C3D NAD C . -4.12 13.68 5.05
O3D NAD C . -4.23 12.89 4.01
C2D NAD C . -2.82 13.74 5.57
O2D NAD C . -2.21 12.62 5.83
C1D NAD C . -2.23 14.55 4.58
N1N NAD C . -0.94 14.94 4.83
C2N NAD C . -0.66 15.72 5.93
C3N NAD C . 0.67 16.17 6.21
C7N NAD C . 0.92 16.98 7.36
O7N NAD C . 2.12 17.39 7.65
N7N NAD C . -0.10 17.36 8.18
C4N NAD C . 1.75 15.78 5.36
C5N NAD C . 1.42 14.95 4.23
C6N NAD C . 0.08 14.54 3.98
C1 TCL D . 1.84 13.07 7.99
C2 TCL D . 2.33 14.06 8.90
C6 TCL D . 0.43 12.80 8.01
C5 TCL D . -0.39 13.50 8.94
C4 TCL D . 0.15 14.49 9.84
C3 TCL D . 1.53 14.77 9.84
C11 TCL D . -3.69 10.40 11.47
C10 TCL D . -4.46 11.28 10.63
C9 TCL D . -3.79 12.22 9.79
C8 TCL D . -2.34 12.28 9.78
C12 TCL D . -2.26 10.45 11.48
C13 TCL D . -1.61 11.38 10.65
O7 TCL D . -1.73 13.21 8.94
CL14 TCL D . 4.03 14.39 8.89
CL15 TCL D . -4.50 9.27 12.49
CL16 TCL D . -4.77 13.27 8.78
O17 TCL D . -0.10 11.87 7.16
PA NAD E . -0.23 -20.46 -5.22
O1A NAD E . -1.73 -20.79 -5.64
O2A NAD E . 0.68 -21.66 -5.74
O5B NAD E . -0.15 -20.42 -3.60
C5B NAD E . -0.89 -19.48 -3.01
C4B NAD E . -1.03 -19.78 -1.59
O4B NAD E . -1.75 -18.91 -0.86
C3B NAD E . -1.65 -21.07 -1.34
O3B NAD E . -0.77 -21.92 -0.88
C2B NAD E . -2.67 -20.74 -0.45
O2B NAD E . -3.15 -21.68 0.30
C1B NAD E . -2.15 -19.63 0.21
N9A NAD E . -3.15 -19.00 0.95
C8A NAD E . -4.24 -18.33 0.46
N7A NAD E . -5.02 -17.83 1.46
C5A NAD E . -4.40 -18.21 2.61
C6A NAD E . -4.76 -17.96 3.96
N6A NAD E . -5.89 -17.27 4.26
N1A NAD E . -3.93 -18.46 4.94
C2A NAD E . -2.78 -19.18 4.61
N3A NAD E . -2.44 -19.41 3.28
C4A NAD E . -3.24 -18.92 2.31
O3 NAD E . 0.17 -19.12 -6.04
PN NAD E . 1.65 -18.43 -5.91
O1N NAD E . 2.04 -17.89 -7.37
O2N NAD E . 2.78 -19.45 -5.43
O5D NAD E . 1.53 -17.09 -5.03
C5D NAD E . 2.34 -17.03 -4.02
C4D NAD E . 2.88 -15.69 -3.81
O4D NAD E . 3.69 -15.33 -4.86
C3D NAD E . 1.91 -14.61 -3.70
O3D NAD E . 2.27 -13.66 -2.86
C2D NAD E . 1.87 -14.19 -5.03
O2D NAD E . 1.19 -13.10 -5.30
C1D NAD E . 3.26 -14.15 -5.27
N1N NAD E . 3.61 -13.86 -6.57
C2N NAD E . 3.27 -14.73 -7.59
C3N NAD E . 3.63 -14.44 -8.94
C7N NAD E . 3.28 -15.35 -9.97
O7N NAD E . 3.59 -15.07 -11.20
N7N NAD E . 2.61 -16.48 -9.70
C4N NAD E . 4.34 -13.25 -9.25
C5N NAD E . 4.67 -12.38 -8.17
C6N NAD E . 4.28 -12.70 -6.84
C1 TCL F . 1.05 -11.80 -9.79
C2 TCL F . 1.03 -12.60 -10.95
C6 TCL F . 0.45 -12.33 -8.58
C5 TCL F . -0.14 -13.63 -8.62
C4 TCL F . -0.16 -14.42 -9.83
C3 TCL F . 0.44 -13.91 -11.03
C11 TCL F . -4.79 -13.93 -6.18
C10 TCL F . -3.87 -14.76 -5.48
C9 TCL F . -2.51 -14.81 -5.91
C8 TCL F . -2.07 -14.03 -7.06
C12 TCL F . -4.38 -13.16 -7.31
C13 TCL F . -3.05 -13.21 -7.74
O7 TCL F . -0.72 -14.12 -7.45
CL14 TCL F . 1.76 -11.96 -12.40
CL15 TCL F . -6.43 -13.86 -5.67
CL16 TCL F . -1.42 -15.85 -5.01
O17 TCL F . 0.46 -11.60 -7.45
#